data_2V8I
#
_entry.id   2V8I
#
_cell.length_a   58.486
_cell.length_b   95.642
_cell.length_c   126.608
_cell.angle_alpha   90.00
_cell.angle_beta   90.00
_cell.angle_gamma   90.00
#
_symmetry.space_group_name_H-M   'P 21 21 21'
#
loop_
_entity.id
_entity.type
_entity.pdbx_description
1 polymer 'PECTATE LYASE'
2 non-polymer 'IODIDE ION'
3 water water
#
_entity_poly.entity_id   1
_entity_poly.type   'polypeptide(L)'
_entity_poly.pdbx_seq_one_letter_code
;DRLTVVKQYVDNVLNKASDTYHGDKPSPLLADGVDPRTGQQLEWIFPDGRRAVLSNFSAQQNLMRVMSGLSQLSGDPRYQ
KRAEDIVRYHFQNYQDPSGLLYWGGHRFVDLKTLQPEGPSEKEMVHELKNAYPYYDLMFSVDSDATARFIRGFWNAHVYD
WRILETSRHGEYGKPMGALWESKFEQQPPFFATKGLSFLNAGNDLIYSASLLYKHQQDQGALTWAKRLADQYVLPRDAKT
GLGVYQFTQALKREEPTDDADTHSKFGDRAQRQFGPEFGPTALEGNMMLKGRTSTLYSENALMQLQLGKDLGPQGQDLLK
WTVDGLKAFAKYAYNDQDNTFRPMIANGQDLSNYTLPRDGYYGKKGTVLKPYKAGNEFLISYARAYAIDNDPLLWKVARG
IANDQGLGDIGTAPGKEVKVNMDTTNSDPYALFALLDLYHASQVADYRKLAEKIGDNIIKIRYIDGFFMASSDRQYADVD
AIEPYALLALEASLRNKPQAVAPFLNGAGFTEGAYRMDDGSARVSTRDNELFLLNVGEKLQPN
;
_entity_poly.pdbx_strand_id   A
#
loop_
_chem_comp.id
_chem_comp.type
_chem_comp.name
_chem_comp.formula
IOD non-polymer 'IODIDE ION' 'I -1'
#
# COMPACT_ATOMS: atom_id res chain seq x y z
N ASP A 1 11.88 20.15 18.80
CA ASP A 1 10.88 19.22 19.37
C ASP A 1 10.04 18.66 18.22
N ARG A 2 10.18 17.36 17.98
CA ARG A 2 9.57 16.74 16.82
C ARG A 2 8.04 16.79 16.88
N LEU A 3 7.48 16.75 18.09
CA LEU A 3 6.03 16.78 18.23
C LEU A 3 5.48 18.14 17.82
N THR A 4 6.19 19.20 18.20
CA THR A 4 5.84 20.55 17.79
C THR A 4 5.87 20.69 16.26
N VAL A 5 6.89 20.11 15.62
CA VAL A 5 6.97 20.10 14.15
C VAL A 5 5.73 19.43 13.54
N VAL A 6 5.38 18.25 14.04
CA VAL A 6 4.23 17.52 13.48
C VAL A 6 2.95 18.34 13.72
N LYS A 7 2.87 19.00 14.87
CA LYS A 7 1.70 19.81 15.17
C LYS A 7 1.59 20.97 14.18
N GLN A 8 2.71 21.67 13.93
CA GLN A 8 2.68 22.78 12.98
C GLN A 8 2.35 22.30 11.57
N TYR A 9 2.92 21.15 11.20
CA TYR A 9 2.62 20.52 9.91
C TYR A 9 1.11 20.28 9.72
N VAL A 10 0.47 19.64 10.69
CA VAL A 10 -0.95 19.36 10.54
C VAL A 10 -1.76 20.65 10.51
N ASP A 11 -1.38 21.63 11.33
CA ASP A 11 -2.01 22.96 11.26
C ASP A 11 -1.90 23.54 9.85
N ASN A 12 -0.73 23.36 9.24
CA ASN A 12 -0.48 23.83 7.89
C ASN A 12 -1.39 23.12 6.89
N VAL A 13 -1.52 21.80 7.04
CA VAL A 13 -2.40 21.04 6.17
C VAL A 13 -3.83 21.58 6.30
N LEU A 14 -4.30 21.74 7.53
CA LEU A 14 -5.70 22.14 7.73
C LEU A 14 -5.95 23.55 7.25
N ASN A 15 -4.89 24.34 7.17
CA ASN A 15 -4.97 25.67 6.57
C ASN A 15 -4.95 25.51 5.04
N LYS A 16 -3.79 25.17 4.49
CA LYS A 16 -3.57 25.22 3.04
C LYS A 16 -4.32 24.19 2.20
N ALA A 17 -4.67 23.05 2.80
CA ALA A 17 -5.31 21.97 2.04
C ALA A 17 -6.83 22.00 2.20
N SER A 18 -7.34 22.98 2.92
CA SER A 18 -8.76 23.02 3.23
C SER A 18 -9.62 23.55 2.09
N ASP A 19 -10.93 23.40 2.27
CA ASP A 19 -11.94 23.82 1.31
C ASP A 19 -12.10 25.34 1.35
N THR A 20 -11.53 26.00 0.33
CA THR A 20 -11.57 27.46 0.22
C THR A 20 -12.52 27.93 -0.89
N TYR A 21 -13.50 27.09 -1.23
CA TYR A 21 -14.36 27.35 -2.41
C TYR A 21 -15.81 27.62 -2.06
N HIS A 22 -16.12 27.61 -0.76
CA HIS A 22 -17.49 27.71 -0.30
C HIS A 22 -17.67 28.79 0.76
N GLY A 23 -16.88 29.85 0.62
CA GLY A 23 -16.91 31.00 1.53
C GLY A 23 -16.71 30.57 2.97
N ASP A 24 -17.54 31.10 3.86
CA ASP A 24 -17.48 30.79 5.29
C ASP A 24 -18.32 29.55 5.65
N LYS A 25 -18.67 28.76 4.64
CA LYS A 25 -19.36 27.48 4.85
C LYS A 25 -18.56 26.31 4.24
N PRO A 26 -17.29 26.15 4.68
CA PRO A 26 -16.48 25.11 4.04
C PRO A 26 -16.89 23.70 4.46
N SER A 27 -16.70 22.75 3.56
CA SER A 27 -16.73 21.34 3.94
C SER A 27 -15.47 21.06 4.78
N PRO A 28 -15.42 19.92 5.49
CA PRO A 28 -14.19 19.52 6.18
C PRO A 28 -13.13 18.84 5.33
N LEU A 29 -13.45 18.57 4.05
CA LEU A 29 -12.55 17.83 3.18
C LEU A 29 -11.25 18.56 2.84
N LEU A 30 -10.25 17.80 2.41
CA LEU A 30 -8.90 18.30 2.15
C LEU A 30 -8.42 17.93 0.75
N ALA A 31 -7.58 18.79 0.18
CA ALA A 31 -6.89 18.53 -1.08
C ALA A 31 -5.74 17.55 -0.82
N ASP A 32 -5.55 16.58 -1.72
CA ASP A 32 -4.48 15.59 -1.54
C ASP A 32 -3.10 16.23 -1.64
N GLY A 33 -2.98 17.22 -2.53
CA GLY A 33 -1.65 17.79 -2.78
C GLY A 33 -1.66 19.29 -2.72
N VAL A 34 -0.56 19.84 -2.20
CA VAL A 34 -0.43 21.31 -2.09
C VAL A 34 1.00 21.68 -2.46
N ASP A 35 1.15 22.66 -3.36
CA ASP A 35 2.48 23.23 -3.61
C ASP A 35 2.78 24.05 -2.37
N PRO A 36 3.78 23.63 -1.57
CA PRO A 36 3.94 24.32 -0.29
C PRO A 36 4.43 25.77 -0.45
N ARG A 37 4.92 26.10 -1.64
CA ARG A 37 5.42 27.47 -1.88
C ARG A 37 4.28 28.47 -1.97
N THR A 38 3.23 28.08 -2.70
CA THR A 38 2.15 28.99 -3.04
C THR A 38 0.81 28.69 -2.37
N GLY A 39 0.63 27.45 -1.92
CA GLY A 39 -0.65 26.96 -1.43
C GLY A 39 -1.56 26.44 -2.55
N GLN A 40 -1.04 26.37 -3.78
CA GLN A 40 -1.84 25.87 -4.89
C GLN A 40 -2.19 24.41 -4.64
N GLN A 41 -3.47 24.09 -4.71
CA GLN A 41 -3.93 22.71 -4.54
C GLN A 41 -3.85 21.92 -5.84
N LEU A 42 -3.49 20.65 -5.73
CA LEU A 42 -3.29 19.81 -6.90
C LEU A 42 -4.60 19.50 -7.61
N GLU A 43 -4.60 19.67 -8.93
CA GLU A 43 -5.81 19.47 -9.73
C GLU A 43 -5.70 18.32 -10.71
N TRP A 44 -6.84 17.69 -10.97
CA TRP A 44 -6.99 16.79 -12.12
C TRP A 44 -7.58 17.57 -13.30
N ILE A 45 -7.01 17.37 -14.48
CA ILE A 45 -7.49 18.06 -15.69
C ILE A 45 -8.22 17.07 -16.58
N PHE A 46 -9.53 17.31 -16.73
CA PHE A 46 -10.40 16.43 -17.49
C PHE A 46 -10.34 16.73 -19.00
N PRO A 47 -10.99 15.89 -19.84
CA PRO A 47 -10.93 15.99 -21.31
C PRO A 47 -11.15 17.39 -21.88
N ASP A 48 -12.15 18.12 -21.36
CA ASP A 48 -12.52 19.43 -21.89
C ASP A 48 -11.72 20.61 -21.30
N GLY A 49 -10.83 20.30 -20.36
CA GLY A 49 -9.97 21.33 -19.76
C GLY A 49 -10.44 21.76 -18.39
N ARG A 50 -11.55 21.19 -17.93
CA ARG A 50 -12.09 21.49 -16.61
C ARG A 50 -11.17 20.92 -15.55
N ARG A 51 -10.87 21.76 -14.56
CA ARG A 51 -9.97 21.39 -13.48
C ARG A 51 -10.76 21.08 -12.20
N ALA A 52 -10.45 19.93 -11.61
CA ALA A 52 -11.03 19.52 -10.34
C ALA A 52 -9.92 19.45 -9.31
N VAL A 53 -10.18 19.90 -8.09
CA VAL A 53 -9.19 19.76 -7.02
C VAL A 53 -9.34 18.35 -6.44
N LEU A 54 -8.25 17.59 -6.52
CA LEU A 54 -8.23 16.19 -6.13
C LEU A 54 -8.38 16.05 -4.62
N SER A 55 -9.54 15.54 -4.21
CA SER A 55 -9.76 15.15 -2.82
C SER A 55 -10.19 13.68 -2.79
N ASN A 56 -9.22 12.78 -2.59
CA ASN A 56 -9.47 11.34 -2.64
C ASN A 56 -9.21 10.77 -1.26
N PHE A 57 -10.26 10.47 -0.52
CA PHE A 57 -10.12 10.07 0.88
C PHE A 57 -9.26 8.81 1.07
N SER A 58 -9.20 7.93 0.06
CA SER A 58 -8.39 6.72 0.15
C SER A 58 -6.91 7.07 0.15
N ALA A 59 -6.61 8.30 -0.28
CA ALA A 59 -5.24 8.77 -0.37
C ALA A 59 -4.93 9.72 0.79
N GLN A 60 -5.71 9.61 1.86
CA GLN A 60 -5.48 10.42 3.07
C GLN A 60 -5.47 9.60 4.36
N GLN A 61 -5.32 8.27 4.24
CA GLN A 61 -5.46 7.41 5.40
C GLN A 61 -4.22 7.31 6.27
N ASN A 62 -3.06 7.74 5.74
CA ASN A 62 -1.92 7.99 6.60
C ASN A 62 -2.11 9.29 7.37
N LEU A 63 -2.56 10.34 6.67
CA LEU A 63 -2.91 11.60 7.33
C LEU A 63 -3.91 11.40 8.48
N MET A 64 -4.97 10.61 8.24
CA MET A 64 -5.95 10.37 9.32
C MET A 64 -5.26 9.78 10.55
N ARG A 65 -4.36 8.82 10.31
CA ARG A 65 -3.59 8.18 11.40
C ARG A 65 -2.67 9.17 12.11
N VAL A 66 -2.06 10.06 11.33
CA VAL A 66 -1.25 11.16 11.87
C VAL A 66 -2.09 12.09 12.76
N MET A 67 -3.30 12.43 12.31
CA MET A 67 -4.15 13.33 13.07
C MET A 67 -4.60 12.68 14.39
N SER A 68 -5.03 11.42 14.32
CA SER A 68 -5.40 10.70 15.55
C SER A 68 -4.21 10.59 16.51
N GLY A 69 -3.04 10.23 15.98
CA GLY A 69 -1.84 10.06 16.80
C GLY A 69 -1.41 11.40 17.42
N LEU A 70 -1.44 12.45 16.60
CA LEU A 70 -1.10 13.80 17.09
C LEU A 70 -2.00 14.22 18.26
N SER A 71 -3.30 13.99 18.13
CA SER A 71 -4.21 14.30 19.25
C SER A 71 -3.88 13.47 20.50
N GLN A 72 -3.56 12.20 20.31
CA GLN A 72 -3.19 11.33 21.44
C GLN A 72 -1.95 11.82 22.18
N LEU A 73 -0.94 12.23 21.42
CA LEU A 73 0.34 12.60 22.03
C LEU A 73 0.39 14.03 22.55
N SER A 74 -0.27 14.94 21.84
CA SER A 74 -0.27 16.34 22.24
C SER A 74 -1.31 16.63 23.32
N GLY A 75 -2.36 15.81 23.38
CA GLY A 75 -3.51 16.07 24.25
C GLY A 75 -4.45 17.13 23.71
N ASP A 76 -4.21 17.58 22.48
CA ASP A 76 -5.10 18.52 21.79
C ASP A 76 -6.10 17.75 20.91
N PRO A 77 -7.39 17.74 21.31
CA PRO A 77 -8.35 16.88 20.60
C PRO A 77 -8.84 17.40 19.23
N ARG A 78 -8.35 18.55 18.78
N ARG A 78 -8.34 18.56 18.78
CA ARG A 78 -8.90 19.13 17.55
CA ARG A 78 -8.85 19.17 17.54
C ARG A 78 -8.61 18.27 16.32
C ARG A 78 -8.59 18.31 16.31
N TYR A 79 -7.48 17.59 16.32
CA TYR A 79 -7.05 16.83 15.15
C TYR A 79 -7.89 15.56 14.99
N GLN A 80 -8.08 14.84 16.09
CA GLN A 80 -9.03 13.72 16.12
C GLN A 80 -10.43 14.17 15.69
N LYS A 81 -10.89 15.31 16.21
CA LYS A 81 -12.21 15.81 15.86
C LYS A 81 -12.32 16.04 14.35
N ARG A 82 -11.31 16.69 13.77
CA ARG A 82 -11.36 16.99 12.35
C ARG A 82 -11.35 15.71 11.54
N ALA A 83 -10.50 14.75 11.92
CA ALA A 83 -10.49 13.48 11.24
C ALA A 83 -11.87 12.79 11.29
N GLU A 84 -12.49 12.83 12.47
CA GLU A 84 -13.85 12.27 12.62
C GLU A 84 -14.84 12.99 11.71
N ASP A 85 -14.74 14.32 11.67
CA ASP A 85 -15.63 15.12 10.81
C ASP A 85 -15.48 14.80 9.33
N ILE A 86 -14.25 14.53 8.87
CA ILE A 86 -14.06 14.16 7.47
C ILE A 86 -14.70 12.80 7.18
N VAL A 87 -14.47 11.85 8.08
CA VAL A 87 -15.10 10.55 7.94
C VAL A 87 -16.62 10.70 7.86
N ARG A 88 -17.20 11.41 8.84
CA ARG A 88 -18.66 11.59 8.88
C ARG A 88 -19.17 12.18 7.57
N TYR A 89 -18.45 13.19 7.06
CA TYR A 89 -18.87 13.86 5.84
C TYR A 89 -18.91 12.90 4.66
N HIS A 90 -17.96 11.97 4.62
CA HIS A 90 -17.95 10.98 3.54
C HIS A 90 -19.10 9.97 3.65
N PHE A 91 -19.40 9.53 4.88
CA PHE A 91 -20.56 8.64 5.05
C PHE A 91 -21.85 9.36 4.68
N GLN A 92 -21.92 10.66 5.00
CA GLN A 92 -23.16 11.41 4.80
C GLN A 92 -23.42 11.69 3.33
N ASN A 93 -22.33 11.96 2.59
CA ASN A 93 -22.45 12.49 1.23
C ASN A 93 -21.88 11.61 0.12
N TYR A 94 -20.94 10.73 0.46
CA TYR A 94 -20.13 10.04 -0.55
C TYR A 94 -20.12 8.52 -0.37
N GLN A 95 -21.20 7.99 0.19
CA GLN A 95 -21.36 6.55 0.33
C GLN A 95 -22.56 6.11 -0.48
N ASP A 96 -22.34 5.26 -1.49
CA ASP A 96 -23.46 4.87 -2.32
C ASP A 96 -24.37 3.87 -1.55
N PRO A 97 -25.60 3.62 -2.05
CA PRO A 97 -26.50 2.70 -1.36
C PRO A 97 -25.94 1.29 -1.12
N SER A 98 -24.99 0.86 -1.95
CA SER A 98 -24.36 -0.45 -1.76
C SER A 98 -23.32 -0.44 -0.67
N GLY A 99 -22.97 0.75 -0.21
CA GLY A 99 -22.01 0.94 0.89
C GLY A 99 -20.67 1.49 0.42
N LEU A 100 -20.42 1.42 -0.89
CA LEU A 100 -19.09 1.72 -1.39
C LEU A 100 -18.91 3.21 -1.30
N LEU A 101 -17.68 3.65 -1.07
CA LEU A 101 -17.39 5.07 -1.02
C LEU A 101 -16.90 5.58 -2.35
N TYR A 102 -17.10 6.90 -2.59
CA TYR A 102 -16.56 7.56 -3.77
C TYR A 102 -15.12 7.95 -3.46
N TRP A 103 -14.25 6.94 -3.57
CA TRP A 103 -12.82 7.06 -3.35
C TRP A 103 -12.13 5.96 -4.13
N GLY A 104 -10.81 5.81 -3.96
CA GLY A 104 -10.07 4.71 -4.56
C GLY A 104 -9.44 5.09 -5.89
N GLY A 105 -9.05 4.09 -6.66
CA GLY A 105 -8.24 4.34 -7.86
C GLY A 105 -8.91 5.15 -8.95
N HIS A 106 -10.24 5.15 -8.95
CA HIS A 106 -10.97 5.73 -10.08
C HIS A 106 -12.10 6.69 -9.71
N ARG A 107 -12.21 7.03 -8.43
CA ARG A 107 -13.22 7.98 -7.99
C ARG A 107 -12.61 8.87 -6.92
N PHE A 108 -12.99 10.15 -6.95
CA PHE A 108 -12.61 11.07 -5.91
C PHE A 108 -13.67 12.15 -5.78
N VAL A 109 -13.42 13.13 -4.91
CA VAL A 109 -14.34 14.26 -4.76
C VAL A 109 -13.61 15.51 -5.25
N ASP A 110 -14.30 16.30 -6.07
CA ASP A 110 -13.76 17.60 -6.49
C ASP A 110 -13.99 18.58 -5.35
N LEU A 111 -12.91 19.07 -4.75
CA LEU A 111 -13.08 19.97 -3.60
C LEU A 111 -13.79 21.28 -3.96
N LYS A 112 -13.72 21.66 -5.23
CA LYS A 112 -14.34 22.92 -5.71
C LYS A 112 -15.86 22.81 -5.76
N THR A 113 -16.37 21.72 -6.30
CA THR A 113 -17.82 21.53 -6.49
C THR A 113 -18.43 20.60 -5.45
N LEU A 114 -17.56 19.87 -4.76
CA LEU A 114 -17.98 18.83 -3.80
C LEU A 114 -18.75 17.68 -4.45
N GLN A 115 -18.59 17.54 -5.76
CA GLN A 115 -19.20 16.43 -6.52
C GLN A 115 -18.23 15.27 -6.67
N PRO A 116 -18.74 14.02 -6.61
CA PRO A 116 -17.86 12.93 -6.98
C PRO A 116 -17.43 13.01 -8.45
N GLU A 117 -16.20 12.57 -8.72
CA GLU A 117 -15.63 12.57 -10.07
C GLU A 117 -15.18 11.17 -10.45
N GLY A 118 -15.04 10.92 -11.75
CA GLY A 118 -14.55 9.65 -12.27
C GLY A 118 -13.63 9.79 -13.48
N PRO A 119 -12.29 9.94 -13.24
CA PRO A 119 -11.25 10.24 -14.24
C PRO A 119 -10.95 9.19 -15.32
N SER A 120 -11.39 7.95 -15.11
CA SER A 120 -11.13 6.85 -16.06
C SER A 120 -12.43 6.35 -16.70
N GLU A 121 -12.60 6.69 -17.97
CA GLU A 121 -13.86 6.46 -18.69
C GLU A 121 -14.33 5.02 -18.72
N LYS A 122 -13.39 4.09 -18.91
CA LYS A 122 -13.69 2.65 -18.95
C LYS A 122 -13.74 2.01 -17.55
N GLU A 123 -13.54 2.83 -16.52
CA GLU A 123 -13.44 2.31 -15.16
C GLU A 123 -14.03 3.26 -14.10
N MET A 124 -15.34 3.60 -14.23
N MET A 124 -15.33 3.52 -14.20
CA MET A 124 -16.06 4.36 -13.18
CA MET A 124 -16.02 4.31 -13.21
C MET A 124 -16.48 3.35 -12.10
C MET A 124 -16.47 3.36 -12.11
N VAL A 125 -15.48 2.82 -11.40
CA VAL A 125 -15.65 1.70 -10.48
C VAL A 125 -14.87 1.96 -9.20
N HIS A 126 -15.11 1.11 -8.22
CA HIS A 126 -14.42 1.17 -6.92
C HIS A 126 -13.16 0.31 -6.98
N GLU A 127 -12.05 0.83 -6.46
CA GLU A 127 -10.80 0.08 -6.48
C GLU A 127 -9.91 0.54 -5.34
N LEU A 128 -9.44 -0.43 -4.56
CA LEU A 128 -8.43 -0.20 -3.53
C LEU A 128 -7.27 -1.16 -3.75
N LYS A 129 -6.06 -0.61 -3.84
CA LYS A 129 -4.84 -1.38 -4.14
C LYS A 129 -3.84 -1.01 -3.06
N ASN A 130 -3.57 -1.94 -2.13
CA ASN A 130 -2.65 -1.65 -1.02
C ASN A 130 -2.97 -0.34 -0.29
N ALA A 131 -4.26 -0.11 -0.06
CA ALA A 131 -4.75 1.17 0.50
C ALA A 131 -4.73 1.18 2.03
N TYR A 132 -5.20 0.06 2.62
CA TYR A 132 -5.30 -0.10 4.07
C TYR A 132 -5.90 1.15 4.77
N PRO A 133 -7.18 1.42 4.49
CA PRO A 133 -7.81 2.57 5.18
C PRO A 133 -7.83 2.44 6.70
N TYR A 134 -8.03 3.57 7.37
CA TYR A 134 -7.98 3.64 8.83
C TYR A 134 -9.35 3.24 9.36
N TYR A 135 -9.70 1.95 9.20
CA TYR A 135 -11.03 1.48 9.63
C TYR A 135 -11.31 1.71 11.11
N ASP A 136 -10.26 1.67 11.95
CA ASP A 136 -10.47 1.89 13.39
C ASP A 136 -11.14 3.26 13.64
N LEU A 137 -10.68 4.29 12.94
CA LEU A 137 -11.29 5.62 13.04
C LEU A 137 -12.73 5.59 12.52
N MET A 138 -12.90 5.00 11.33
CA MET A 138 -14.23 4.89 10.73
C MET A 138 -15.24 4.22 11.67
N PHE A 139 -14.88 3.08 12.25
CA PHE A 139 -15.80 2.38 13.17
C PHE A 139 -16.19 3.27 14.37
N SER A 140 -15.24 4.08 14.84
CA SER A 140 -15.51 4.94 16.02
C SER A 140 -16.45 6.12 15.69
N VAL A 141 -16.56 6.46 14.40
CA VAL A 141 -17.47 7.51 13.96
C VAL A 141 -18.84 6.93 13.62
N ASP A 142 -18.85 5.81 12.87
CA ASP A 142 -20.12 5.23 12.45
C ASP A 142 -19.90 3.77 12.08
N SER A 143 -20.17 2.90 13.06
CA SER A 143 -19.87 1.49 12.92
C SER A 143 -20.78 0.87 11.84
N ASP A 144 -22.06 1.26 11.81
CA ASP A 144 -22.96 0.77 10.78
C ASP A 144 -22.43 1.09 9.38
N ALA A 145 -22.03 2.34 9.19
CA ALA A 145 -21.68 2.80 7.87
C ALA A 145 -20.39 2.14 7.47
N THR A 146 -19.45 2.06 8.41
CA THR A 146 -18.21 1.26 8.16
C THR A 146 -18.44 -0.22 7.77
N ALA A 147 -19.32 -0.90 8.51
CA ALA A 147 -19.61 -2.30 8.24
C ALA A 147 -20.27 -2.41 6.87
N ARG A 148 -21.17 -1.48 6.54
CA ARG A 148 -21.80 -1.45 5.22
CA ARG A 148 -21.79 -1.49 5.22
C ARG A 148 -20.74 -1.28 4.13
N PHE A 149 -19.73 -0.45 4.39
CA PHE A 149 -18.67 -0.32 3.39
C PHE A 149 -17.95 -1.67 3.17
N ILE A 150 -17.52 -2.29 4.27
CA ILE A 150 -16.69 -3.49 4.18
C ILE A 150 -17.48 -4.64 3.52
N ARG A 151 -18.75 -4.81 3.92
CA ARG A 151 -19.58 -5.85 3.29
C ARG A 151 -19.83 -5.53 1.80
N GLY A 152 -20.06 -4.25 1.52
CA GLY A 152 -20.32 -3.78 0.16
C GLY A 152 -19.11 -4.02 -0.74
N PHE A 153 -17.94 -3.87 -0.14
CA PHE A 153 -16.64 -4.01 -0.80
C PHE A 153 -16.46 -5.45 -1.24
N TRP A 154 -16.63 -6.37 -0.30
CA TRP A 154 -16.55 -7.78 -0.64
C TRP A 154 -17.64 -8.17 -1.64
N ASN A 155 -18.86 -7.66 -1.42
CA ASN A 155 -19.97 -7.99 -2.33
C ASN A 155 -19.65 -7.63 -3.77
N ALA A 156 -18.95 -6.50 -3.96
CA ALA A 156 -18.71 -6.01 -5.31
C ALA A 156 -17.50 -6.65 -5.98
N HIS A 157 -16.50 -7.02 -5.16
CA HIS A 157 -15.22 -7.44 -5.73
C HIS A 157 -15.06 -8.95 -5.82
N VAL A 158 -15.92 -9.70 -5.12
CA VAL A 158 -15.90 -11.15 -5.28
C VAL A 158 -16.89 -11.49 -6.39
N TYR A 159 -16.37 -12.00 -7.50
CA TYR A 159 -17.19 -12.34 -8.66
C TYR A 159 -17.90 -13.67 -8.46
N ASP A 160 -17.18 -14.60 -7.83
CA ASP A 160 -17.69 -15.95 -7.61
C ASP A 160 -17.18 -16.44 -6.26
N TRP A 161 -18.09 -16.50 -5.29
CA TRP A 161 -17.75 -16.90 -3.93
C TRP A 161 -17.41 -18.39 -3.82
N ARG A 162 -17.97 -19.20 -4.72
CA ARG A 162 -17.76 -20.63 -4.67
C ARG A 162 -16.27 -20.96 -4.81
N ILE A 163 -15.58 -20.17 -5.65
CA ILE A 163 -14.19 -20.43 -5.99
C ILE A 163 -13.24 -19.27 -5.56
N LEU A 164 -13.82 -18.22 -4.99
CA LEU A 164 -13.10 -16.99 -4.64
C LEU A 164 -12.42 -16.31 -5.83
N GLU A 165 -13.16 -16.24 -6.94
CA GLU A 165 -12.75 -15.42 -8.05
C GLU A 165 -12.98 -13.96 -7.64
N THR A 166 -11.89 -13.19 -7.58
CA THR A 166 -11.94 -11.81 -7.12
C THR A 166 -11.40 -10.85 -8.19
N SER A 167 -11.77 -9.58 -8.10
CA SER A 167 -11.34 -8.56 -9.05
C SER A 167 -10.88 -7.30 -8.33
N ARG A 168 -9.99 -6.57 -8.99
CA ARG A 168 -9.54 -5.28 -8.47
C ARG A 168 -10.63 -4.20 -8.61
N HIS A 169 -11.61 -4.48 -9.47
CA HIS A 169 -12.69 -3.53 -9.78
C HIS A 169 -14.02 -3.99 -9.20
N GLY A 170 -14.76 -3.05 -8.60
CA GLY A 170 -16.08 -3.36 -8.06
C GLY A 170 -17.05 -2.33 -8.56
N GLU A 171 -18.20 -2.77 -9.09
CA GLU A 171 -19.19 -1.83 -9.57
C GLU A 171 -19.96 -1.18 -8.43
N TYR A 172 -20.26 0.12 -8.57
CA TYR A 172 -21.25 0.75 -7.67
C TYR A 172 -22.67 0.19 -7.89
N GLY A 173 -23.52 0.33 -6.87
CA GLY A 173 -24.94 0.03 -7.02
C GLY A 173 -25.36 -1.43 -7.12
N LYS A 174 -24.54 -2.34 -6.62
CA LYS A 174 -24.89 -3.76 -6.62
C LYS A 174 -25.72 -4.15 -5.40
N PRO A 175 -26.88 -4.79 -5.61
CA PRO A 175 -27.58 -5.33 -4.45
C PRO A 175 -26.73 -6.35 -3.68
N MET A 176 -26.95 -6.41 -2.38
CA MET A 176 -26.23 -7.35 -1.51
C MET A 176 -26.62 -8.79 -1.81
N GLY A 177 -25.61 -9.63 -2.02
CA GLY A 177 -25.78 -11.07 -2.25
C GLY A 177 -25.65 -11.89 -0.98
N ALA A 178 -25.35 -13.20 -1.13
CA ALA A 178 -25.26 -14.12 0.00
C ALA A 178 -24.09 -13.83 0.93
N LEU A 179 -23.10 -13.08 0.42
CA LEU A 179 -21.92 -12.70 1.21
C LEU A 179 -21.33 -13.90 1.98
N TRP A 180 -21.19 -13.80 3.31
CA TRP A 180 -20.43 -14.82 4.06
C TRP A 180 -21.14 -16.17 4.08
N GLU A 181 -22.43 -16.18 3.76
CA GLU A 181 -23.21 -17.42 3.76
C GLU A 181 -23.02 -18.23 2.49
N SER A 182 -22.31 -17.65 1.51
CA SER A 182 -22.01 -18.34 0.26
C SER A 182 -21.29 -19.67 0.49
N LYS A 183 -21.63 -20.67 -0.32
CA LYS A 183 -20.95 -21.97 -0.26
C LYS A 183 -19.59 -21.84 -0.91
N PHE A 184 -18.58 -22.47 -0.32
CA PHE A 184 -17.23 -22.45 -0.85
C PHE A 184 -16.79 -23.87 -1.22
N GLU A 185 -16.10 -23.97 -2.35
CA GLU A 185 -15.47 -25.23 -2.78
C GLU A 185 -14.05 -24.96 -3.23
N GLN A 186 -13.07 -25.38 -2.42
CA GLN A 186 -11.66 -25.16 -2.73
C GLN A 186 -11.28 -25.69 -4.11
N GLN A 187 -10.68 -24.83 -4.93
CA GLN A 187 -10.22 -25.21 -6.28
C GLN A 187 -8.71 -25.46 -6.27
N PRO A 188 -8.22 -26.27 -7.23
CA PRO A 188 -6.76 -26.46 -7.31
C PRO A 188 -6.08 -25.16 -7.76
N PRO A 189 -4.78 -24.98 -7.46
CA PRO A 189 -4.06 -23.74 -7.76
C PRO A 189 -4.13 -23.35 -9.23
N PHE A 190 -4.22 -22.04 -9.47
CA PHE A 190 -4.19 -21.45 -10.81
C PHE A 190 -5.32 -21.92 -11.72
N PHE A 191 -6.49 -22.10 -11.12
CA PHE A 191 -7.71 -22.29 -11.88
C PHE A 191 -8.00 -21.06 -12.73
N ALA A 192 -8.66 -21.27 -13.88
CA ALA A 192 -8.87 -20.21 -14.87
C ALA A 192 -10.16 -19.42 -14.61
N THR A 193 -10.01 -18.10 -14.54
CA THR A 193 -11.12 -17.20 -14.21
C THR A 193 -11.01 -15.90 -15.00
N LYS A 194 -12.10 -15.13 -15.02
CA LYS A 194 -12.08 -13.77 -15.57
C LYS A 194 -11.40 -12.80 -14.61
N GLY A 195 -11.87 -12.76 -13.36
CA GLY A 195 -11.31 -11.86 -12.36
C GLY A 195 -9.84 -12.18 -12.13
N LEU A 196 -9.03 -11.13 -12.07
CA LEU A 196 -7.60 -11.25 -11.76
C LEU A 196 -7.40 -11.02 -10.27
N SER A 197 -7.06 -12.10 -9.56
CA SER A 197 -7.00 -12.10 -8.10
C SER A 197 -5.70 -11.48 -7.57
N PHE A 198 -5.32 -10.36 -8.16
CA PHE A 198 -4.09 -9.67 -7.77
C PHE A 198 -4.07 -9.46 -6.26
N LEU A 199 -2.91 -9.70 -5.67
CA LEU A 199 -2.74 -9.54 -4.22
C LEU A 199 -2.80 -8.07 -3.76
N ASN A 200 -2.55 -7.11 -4.66
CA ASN A 200 -2.67 -5.71 -4.24
C ASN A 200 -4.09 -5.41 -3.79
N ALA A 201 -5.07 -5.86 -4.58
CA ALA A 201 -6.49 -5.79 -4.20
C ALA A 201 -6.88 -6.82 -3.12
N GLY A 202 -6.35 -8.04 -3.21
CA GLY A 202 -6.61 -9.07 -2.17
C GLY A 202 -6.23 -8.58 -0.77
N ASN A 203 -5.12 -7.86 -0.68
CA ASN A 203 -4.69 -7.27 0.59
C ASN A 203 -5.81 -6.46 1.29
N ASP A 204 -6.47 -5.59 0.53
CA ASP A 204 -7.52 -4.75 1.11
C ASP A 204 -8.73 -5.58 1.50
N LEU A 205 -9.01 -6.64 0.75
CA LEU A 205 -10.11 -7.53 1.11
C LEU A 205 -9.82 -8.25 2.44
N ILE A 206 -8.64 -8.85 2.53
CA ILE A 206 -8.27 -9.56 3.76
C ILE A 206 -8.26 -8.61 4.97
N TYR A 207 -7.64 -7.43 4.79
CA TYR A 207 -7.54 -6.46 5.89
C TYR A 207 -8.94 -5.98 6.35
N SER A 208 -9.78 -5.60 5.39
CA SER A 208 -11.07 -5.02 5.78
C SER A 208 -11.94 -6.08 6.47
N ALA A 209 -11.97 -7.30 5.94
CA ALA A 209 -12.81 -8.32 6.59
C ALA A 209 -12.27 -8.62 8.02
N SER A 210 -10.94 -8.65 8.17
CA SER A 210 -10.38 -8.88 9.52
C SER A 210 -10.78 -7.75 10.50
N LEU A 211 -10.81 -6.51 10.01
CA LEU A 211 -11.20 -5.37 10.88
C LEU A 211 -12.70 -5.42 11.21
N LEU A 212 -13.51 -5.90 10.28
CA LEU A 212 -14.93 -6.09 10.55
C LEU A 212 -15.12 -7.14 11.64
N TYR A 213 -14.33 -8.22 11.57
CA TYR A 213 -14.35 -9.22 12.64
C TYR A 213 -13.97 -8.57 13.96
N LYS A 214 -12.84 -7.85 13.96
CA LYS A 214 -12.26 -7.22 15.15
C LYS A 214 -13.31 -6.37 15.87
N HIS A 215 -14.06 -5.60 15.08
CA HIS A 215 -14.97 -4.61 15.65
C HIS A 215 -16.38 -5.14 15.93
N GLN A 216 -16.91 -5.96 15.02
CA GLN A 216 -18.32 -6.37 15.12
C GLN A 216 -18.48 -7.85 15.51
N GLN A 217 -17.35 -8.54 15.74
CA GLN A 217 -17.35 -9.98 16.07
C GLN A 217 -18.01 -10.83 14.97
N ASP A 218 -17.81 -10.39 13.74
CA ASP A 218 -18.39 -11.05 12.57
C ASP A 218 -17.56 -12.27 12.19
N GLN A 219 -18.00 -13.46 12.60
CA GLN A 219 -17.22 -14.69 12.36
C GLN A 219 -17.16 -15.04 10.88
N GLY A 220 -18.24 -14.76 10.14
CA GLY A 220 -18.26 -14.95 8.70
C GLY A 220 -17.13 -14.15 8.05
N ALA A 221 -16.97 -12.90 8.48
CA ALA A 221 -15.91 -12.05 7.93
C ALA A 221 -14.55 -12.67 8.18
N LEU A 222 -14.33 -13.12 9.42
CA LEU A 222 -13.03 -13.76 9.74
C LEU A 222 -12.78 -15.03 8.91
N THR A 223 -13.80 -15.90 8.82
CA THR A 223 -13.67 -17.12 8.05
C THR A 223 -13.21 -16.83 6.62
N TRP A 224 -13.86 -15.86 5.98
CA TRP A 224 -13.49 -15.55 4.59
C TRP A 224 -12.16 -14.80 4.46
N ALA A 225 -11.85 -13.94 5.44
CA ALA A 225 -10.56 -13.23 5.45
C ALA A 225 -9.42 -14.26 5.45
N LYS A 226 -9.50 -15.21 6.37
CA LYS A 226 -8.45 -16.22 6.49
C LYS A 226 -8.41 -17.11 5.25
N ARG A 227 -9.60 -17.48 4.75
CA ARG A 227 -9.72 -18.29 3.54
C ARG A 227 -9.08 -17.61 2.32
N LEU A 228 -9.37 -16.32 2.14
CA LEU A 228 -8.76 -15.58 1.04
C LEU A 228 -7.24 -15.48 1.23
N ALA A 229 -6.79 -15.22 2.46
CA ALA A 229 -5.36 -15.20 2.72
C ALA A 229 -4.74 -16.54 2.31
N ASP A 230 -5.46 -17.62 2.63
CA ASP A 230 -4.95 -18.98 2.36
C ASP A 230 -4.87 -19.27 0.87
N GLN A 231 -5.70 -18.59 0.07
CA GLN A 231 -5.67 -18.78 -1.39
C GLN A 231 -4.32 -18.42 -2.00
N TYR A 232 -3.59 -17.53 -1.34
CA TYR A 232 -2.27 -17.12 -1.78
C TYR A 232 -1.15 -18.00 -1.20
N VAL A 233 -1.51 -18.90 -0.28
CA VAL A 233 -0.54 -19.84 0.34
C VAL A 233 -0.59 -21.21 -0.34
N LEU A 234 -1.79 -21.71 -0.58
CA LEU A 234 -1.99 -23.00 -1.23
C LEU A 234 -1.22 -23.25 -2.54
N PRO A 235 -1.15 -22.26 -3.45
CA PRO A 235 -0.39 -22.45 -4.71
C PRO A 235 1.13 -22.24 -4.61
N ARG A 236 1.64 -21.93 -3.43
CA ARG A 236 3.09 -21.72 -3.31
C ARG A 236 3.85 -22.96 -3.78
N ASP A 237 5.00 -22.73 -4.42
CA ASP A 237 5.78 -23.83 -5.00
C ASP A 237 6.12 -24.84 -3.90
N ALA A 238 5.85 -26.12 -4.17
CA ALA A 238 6.05 -27.18 -3.17
C ALA A 238 7.50 -27.33 -2.71
N LYS A 239 8.43 -26.98 -3.60
CA LYS A 239 9.86 -27.13 -3.36
C LYS A 239 10.45 -25.86 -2.71
N THR A 240 10.19 -24.68 -3.31
CA THR A 240 10.83 -23.44 -2.87
C THR A 240 10.04 -22.67 -1.82
N GLY A 241 8.72 -22.84 -1.81
CA GLY A 241 7.87 -22.08 -0.89
C GLY A 241 7.63 -20.64 -1.35
N LEU A 242 8.08 -20.31 -2.57
CA LEU A 242 7.91 -18.96 -3.11
C LEU A 242 6.48 -18.71 -3.62
N GLY A 243 6.12 -17.44 -3.75
CA GLY A 243 4.82 -17.08 -4.34
C GLY A 243 3.75 -16.84 -3.29
N VAL A 244 2.53 -16.47 -3.71
CA VAL A 244 2.19 -16.16 -5.10
C VAL A 244 1.48 -14.80 -5.16
N TYR A 245 1.55 -14.14 -6.32
CA TYR A 245 0.92 -12.82 -6.48
C TYR A 245 -0.58 -12.91 -6.79
N GLN A 246 -0.99 -14.05 -7.33
CA GLN A 246 -2.40 -14.35 -7.56
C GLN A 246 -2.55 -15.86 -7.62
N PHE A 247 -3.77 -16.35 -7.43
CA PHE A 247 -4.00 -17.79 -7.32
C PHE A 247 -4.86 -18.35 -8.45
N THR A 248 -5.21 -17.46 -9.38
CA THR A 248 -5.95 -17.81 -10.58
C THR A 248 -5.10 -17.46 -11.80
N GLN A 249 -5.53 -17.93 -12.97
CA GLN A 249 -4.95 -17.47 -14.21
C GLN A 249 -6.07 -17.03 -15.15
N ALA A 250 -5.77 -16.11 -16.06
CA ALA A 250 -6.79 -15.63 -17.01
C ALA A 250 -7.34 -16.75 -17.89
N LEU A 251 -8.67 -16.86 -17.95
CA LEU A 251 -9.30 -17.80 -18.86
C LEU A 251 -9.05 -17.33 -20.29
N LYS A 252 -8.47 -18.19 -21.11
CA LYS A 252 -8.20 -17.86 -22.51
C LYS A 252 -9.49 -17.94 -23.33
N ARG A 253 -9.93 -16.81 -23.85
CA ARG A 253 -11.18 -16.71 -24.60
C ARG A 253 -10.98 -16.45 -26.10
N GLU A 254 -9.82 -15.88 -26.43
CA GLU A 254 -9.43 -15.66 -27.82
C GLU A 254 -7.99 -16.14 -28.04
N GLU A 255 -7.66 -16.44 -29.29
CA GLU A 255 -6.28 -16.68 -29.67
C GLU A 255 -5.60 -15.33 -29.94
N PRO A 256 -4.47 -15.06 -29.26
CA PRO A 256 -3.75 -13.81 -29.49
C PRO A 256 -3.08 -13.77 -30.86
N THR A 257 -2.93 -12.56 -31.38
CA THR A 257 -2.32 -12.34 -32.68
C THR A 257 -1.13 -11.39 -32.58
N ASP A 258 -1.04 -10.65 -31.49
CA ASP A 258 0.02 -9.66 -31.30
C ASP A 258 0.59 -9.66 -29.88
N ASP A 259 1.92 -9.81 -29.78
CA ASP A 259 2.60 -9.86 -28.47
C ASP A 259 2.29 -8.68 -27.55
N ALA A 260 2.24 -7.48 -28.11
CA ALA A 260 2.09 -6.26 -27.32
C ALA A 260 0.66 -6.03 -26.82
N ASP A 261 -0.31 -6.74 -27.40
CA ASP A 261 -1.68 -6.70 -26.89
C ASP A 261 -1.81 -7.68 -25.74
N THR A 262 -1.80 -7.16 -24.52
CA THR A 262 -1.73 -7.98 -23.32
C THR A 262 -3.07 -8.10 -22.57
N HIS A 263 -4.17 -7.83 -23.26
CA HIS A 263 -5.51 -8.08 -22.70
C HIS A 263 -5.62 -9.51 -22.15
N SER A 264 -6.16 -9.63 -20.96
CA SER A 264 -6.22 -10.93 -20.28
C SER A 264 -7.07 -12.01 -20.98
N LYS A 265 -7.98 -11.58 -21.85
CA LYS A 265 -8.81 -12.50 -22.64
C LYS A 265 -8.00 -13.48 -23.51
N PHE A 266 -6.74 -13.14 -23.79
CA PHE A 266 -5.87 -14.01 -24.58
C PHE A 266 -5.14 -15.05 -23.72
N GLY A 267 -5.39 -15.05 -22.41
CA GLY A 267 -4.77 -16.02 -21.50
C GLY A 267 -3.68 -15.40 -20.63
N ASP A 268 -3.17 -16.22 -19.70
CA ASP A 268 -2.14 -15.76 -18.76
C ASP A 268 -0.99 -15.05 -19.50
N ARG A 269 -0.68 -13.83 -19.06
CA ARG A 269 0.32 -12.98 -19.72
C ARG A 269 1.75 -13.51 -19.54
N ALA A 270 2.02 -14.12 -18.40
CA ALA A 270 3.36 -14.69 -18.17
C ALA A 270 3.56 -15.92 -19.05
N GLN A 271 2.50 -16.71 -19.20
CA GLN A 271 2.61 -17.90 -20.04
C GLN A 271 2.87 -17.48 -21.51
N ARG A 272 2.31 -16.35 -21.93
CA ARG A 272 2.54 -15.86 -23.28
C ARG A 272 3.99 -15.40 -23.48
N GLN A 273 4.49 -14.60 -22.54
CA GLN A 273 5.80 -13.97 -22.72
C GLN A 273 6.98 -14.86 -22.32
N PHE A 274 6.75 -15.75 -21.35
CA PHE A 274 7.80 -16.63 -20.80
C PHE A 274 7.56 -18.11 -21.10
N GLY A 275 6.33 -18.50 -21.39
CA GLY A 275 6.00 -19.90 -21.64
C GLY A 275 6.90 -20.63 -22.63
N PRO A 276 7.15 -20.04 -23.79
CA PRO A 276 8.00 -20.73 -24.79
C PRO A 276 9.36 -21.21 -24.26
N GLU A 277 9.98 -20.44 -23.35
CA GLU A 277 11.32 -20.76 -22.86
C GLU A 277 11.28 -21.42 -21.49
N PHE A 278 10.22 -21.18 -20.72
CA PHE A 278 10.16 -21.62 -19.33
C PHE A 278 9.13 -22.72 -19.00
N GLY A 279 8.19 -22.95 -19.90
CA GLY A 279 7.19 -23.99 -19.70
C GLY A 279 6.01 -23.59 -18.80
N PRO A 280 5.25 -24.59 -18.32
CA PRO A 280 3.99 -24.38 -17.59
C PRO A 280 4.09 -23.56 -16.30
N THR A 281 5.25 -23.52 -15.65
CA THR A 281 5.32 -22.76 -14.38
C THR A 281 5.32 -21.25 -14.56
N ALA A 282 5.49 -20.81 -15.80
CA ALA A 282 5.41 -19.38 -16.10
C ALA A 282 3.95 -18.94 -16.11
N LEU A 283 3.50 -18.47 -14.96
CA LEU A 283 2.13 -17.99 -14.76
C LEU A 283 2.27 -16.68 -13.98
N GLU A 284 1.32 -15.79 -14.18
CA GLU A 284 1.41 -14.48 -13.53
C GLU A 284 1.65 -14.55 -12.02
N GLY A 285 0.94 -15.45 -11.34
CA GLY A 285 1.07 -15.55 -9.87
C GLY A 285 2.46 -15.93 -9.44
N ASN A 286 3.20 -16.56 -10.36
CA ASN A 286 4.53 -17.08 -10.09
C ASN A 286 5.65 -16.12 -10.40
N MET A 287 5.31 -14.96 -10.95
CA MET A 287 6.33 -14.03 -11.41
C MET A 287 6.79 -13.13 -10.28
N MET A 288 7.92 -13.51 -9.68
CA MET A 288 8.45 -12.81 -8.52
C MET A 288 9.34 -11.66 -8.98
N LEU A 289 8.68 -10.61 -9.46
CA LEU A 289 9.36 -9.47 -10.04
C LEU A 289 9.19 -8.22 -9.18
N LYS A 290 10.05 -7.23 -9.39
CA LYS A 290 9.98 -5.95 -8.68
C LYS A 290 8.54 -5.42 -8.66
N GLY A 291 8.15 -4.80 -7.55
CA GLY A 291 6.78 -4.30 -7.43
C GLY A 291 5.88 -5.40 -6.89
N ARG A 292 5.67 -6.45 -7.68
CA ARG A 292 4.91 -7.61 -7.21
C ARG A 292 5.46 -8.14 -5.89
N THR A 293 6.80 -8.20 -5.76
CA THR A 293 7.38 -8.74 -4.52
C THR A 293 7.27 -7.77 -3.35
N SER A 294 7.07 -6.50 -3.64
CA SER A 294 6.74 -5.52 -2.60
C SER A 294 5.34 -5.77 -2.05
N THR A 295 4.37 -5.90 -2.95
CA THR A 295 3.00 -6.25 -2.55
C THR A 295 2.94 -7.53 -1.72
N LEU A 296 3.71 -8.53 -2.12
CA LEU A 296 3.71 -9.82 -1.44
C LEU A 296 4.54 -9.80 -0.16
N TYR A 297 5.79 -9.39 -0.27
CA TYR A 297 6.71 -9.54 0.85
C TYR A 297 6.89 -8.29 1.69
N SER A 298 6.18 -7.22 1.33
CA SER A 298 6.07 -6.06 2.21
C SER A 298 4.63 -5.81 2.62
N GLU A 299 3.81 -5.29 1.70
CA GLU A 299 2.44 -4.88 2.08
CA GLU A 299 2.43 -4.90 1.98
C GLU A 299 1.62 -6.01 2.67
N ASN A 300 1.63 -7.18 2.04
CA ASN A 300 0.86 -8.30 2.57
C ASN A 300 1.44 -8.75 3.90
N ALA A 301 2.77 -8.84 3.98
CA ALA A 301 3.44 -9.31 5.19
C ALA A 301 3.15 -8.45 6.41
N LEU A 302 3.23 -7.12 6.27
CA LEU A 302 2.99 -6.23 7.43
C LEU A 302 1.58 -6.43 7.96
N MET A 303 0.63 -6.51 7.02
CA MET A 303 -0.76 -6.59 7.42
C MET A 303 -1.04 -7.94 8.08
N GLN A 304 -0.48 -9.01 7.50
CA GLN A 304 -0.71 -10.36 8.03
C GLN A 304 0.02 -10.63 9.35
N LEU A 305 1.20 -10.04 9.51
CA LEU A 305 1.90 -10.15 10.80
C LEU A 305 1.11 -9.47 11.93
N GLN A 306 0.54 -8.31 11.65
CA GLN A 306 -0.23 -7.60 12.68
C GLN A 306 -1.52 -8.36 12.99
N LEU A 307 -2.21 -8.80 11.94
CA LEU A 307 -3.45 -9.57 12.13
C LEU A 307 -3.17 -10.86 12.88
N GLY A 308 -2.09 -11.54 12.50
CA GLY A 308 -1.75 -12.83 13.09
C GLY A 308 -1.56 -12.67 14.59
N LYS A 309 -0.88 -11.60 14.99
CA LYS A 309 -0.65 -11.34 16.42
C LYS A 309 -1.95 -10.98 17.11
N ASP A 310 -2.79 -10.21 16.42
CA ASP A 310 -4.09 -9.79 16.96
C ASP A 310 -5.01 -10.97 17.29
N LEU A 311 -4.94 -12.01 16.45
CA LEU A 311 -5.84 -13.17 16.58
C LEU A 311 -5.46 -14.14 17.70
N GLY A 312 -4.24 -14.05 18.21
CA GLY A 312 -3.77 -14.97 19.25
C GLY A 312 -3.66 -16.39 18.72
N PRO A 313 -4.28 -17.37 19.42
CA PRO A 313 -4.16 -18.79 19.04
C PRO A 313 -4.57 -19.08 17.59
N GLN A 314 -5.69 -18.52 17.15
CA GLN A 314 -6.17 -18.78 15.78
C GLN A 314 -5.50 -17.87 14.73
N GLY A 315 -4.43 -17.21 15.12
CA GLY A 315 -3.60 -16.43 14.19
C GLY A 315 -2.25 -17.05 13.94
N GLN A 316 -2.02 -18.23 14.51
CA GLN A 316 -0.72 -18.92 14.39
C GLN A 316 -0.43 -19.38 12.96
N ASP A 317 -1.47 -19.81 12.24
CA ASP A 317 -1.33 -20.19 10.83
C ASP A 317 -0.89 -19.00 9.96
N LEU A 318 -1.59 -17.89 10.14
CA LEU A 318 -1.30 -16.65 9.42
C LEU A 318 0.14 -16.19 9.65
N LEU A 319 0.58 -16.20 10.90
CA LEU A 319 1.98 -15.88 11.20
C LEU A 319 2.95 -16.86 10.52
N LYS A 320 2.64 -18.17 10.58
CA LYS A 320 3.48 -19.19 9.93
C LYS A 320 3.58 -18.96 8.43
N TRP A 321 2.43 -18.76 7.78
CA TRP A 321 2.40 -18.54 6.33
C TRP A 321 3.28 -17.36 5.97
N THR A 322 3.09 -16.27 6.71
CA THR A 322 3.78 -15.01 6.42
C THR A 322 5.29 -15.17 6.58
N VAL A 323 5.72 -15.67 7.74
CA VAL A 323 7.15 -15.85 8.00
C VAL A 323 7.80 -16.85 7.04
N ASP A 324 7.11 -17.96 6.79
CA ASP A 324 7.58 -18.96 5.81
C ASP A 324 7.89 -18.33 4.46
N GLY A 325 6.99 -17.47 3.98
CA GLY A 325 7.19 -16.84 2.67
C GLY A 325 8.38 -15.89 2.69
N LEU A 326 8.51 -15.11 3.76
CA LEU A 326 9.64 -14.20 3.88
C LEU A 326 10.97 -14.97 3.93
N LYS A 327 10.96 -16.14 4.57
CA LYS A 327 12.15 -17.02 4.61
C LYS A 327 12.49 -17.53 3.21
N ALA A 328 11.46 -17.98 2.49
CA ALA A 328 11.65 -18.46 1.12
C ALA A 328 12.25 -17.38 0.23
N PHE A 329 11.68 -16.18 0.28
CA PHE A 329 12.16 -15.06 -0.53
C PHE A 329 13.62 -14.75 -0.20
N ALA A 330 13.95 -14.71 1.10
CA ALA A 330 15.34 -14.51 1.53
C ALA A 330 16.27 -15.60 0.99
N LYS A 331 15.86 -16.86 1.13
CA LYS A 331 16.70 -18.02 0.79
C LYS A 331 17.03 -18.03 -0.69
N TYR A 332 16.03 -17.79 -1.53
CA TYR A 332 16.20 -17.88 -2.98
C TYR A 332 16.63 -16.59 -3.67
N ALA A 333 16.03 -15.47 -3.26
CA ALA A 333 16.17 -14.23 -4.03
C ALA A 333 17.19 -13.21 -3.52
N TYR A 334 17.48 -13.24 -2.22
CA TYR A 334 18.37 -12.23 -1.64
C TYR A 334 19.84 -12.53 -1.91
N ASN A 335 20.54 -11.52 -2.43
CA ASN A 335 21.99 -11.57 -2.61
C ASN A 335 22.63 -10.66 -1.57
N ASP A 336 23.23 -11.26 -0.55
CA ASP A 336 23.83 -10.48 0.54
CA ASP A 336 23.86 -10.50 0.55
C ASP A 336 25.08 -9.70 0.12
N GLN A 337 25.66 -10.05 -1.04
CA GLN A 337 26.86 -9.39 -1.53
C GLN A 337 26.62 -7.93 -1.89
N ASP A 338 25.42 -7.62 -2.39
CA ASP A 338 25.13 -6.25 -2.83
C ASP A 338 23.71 -5.79 -2.48
N ASN A 339 23.08 -6.47 -1.52
CA ASN A 339 21.73 -6.10 -1.08
C ASN A 339 20.71 -5.98 -2.22
N THR A 340 20.65 -7.00 -3.06
CA THR A 340 19.66 -7.05 -4.13
C THR A 340 18.77 -8.28 -4.01
N PHE A 341 17.56 -8.18 -4.55
CA PHE A 341 16.71 -9.34 -4.78
C PHE A 341 16.80 -9.66 -6.27
N ARG A 342 16.87 -10.95 -6.56
CA ARG A 342 16.88 -11.44 -7.93
C ARG A 342 15.46 -11.53 -8.48
N PRO A 343 15.25 -11.10 -9.75
CA PRO A 343 13.96 -11.37 -10.35
C PRO A 343 13.88 -12.88 -10.54
N MET A 344 12.73 -13.48 -10.24
CA MET A 344 12.60 -14.95 -10.25
C MET A 344 11.21 -15.42 -10.66
N ILE A 345 11.13 -16.70 -11.03
CA ILE A 345 9.86 -17.42 -11.10
C ILE A 345 9.77 -18.27 -9.81
N ALA A 346 8.56 -18.48 -9.30
CA ALA A 346 8.35 -19.11 -8.00
C ALA A 346 8.85 -20.56 -7.94
N ASN A 347 9.12 -21.13 -9.12
CA ASN A 347 9.68 -22.49 -9.15
C ASN A 347 11.16 -22.51 -8.77
N GLY A 348 11.73 -21.32 -8.55
CA GLY A 348 13.15 -21.18 -8.17
C GLY A 348 14.05 -20.68 -9.29
N GLN A 349 13.44 -20.42 -10.45
CA GLN A 349 14.19 -19.92 -11.62
C GLN A 349 14.72 -18.52 -11.40
N ASP A 350 16.04 -18.37 -11.53
CA ASP A 350 16.68 -17.07 -11.51
C ASP A 350 16.50 -16.42 -12.88
N LEU A 351 16.01 -15.17 -12.86
CA LEU A 351 15.85 -14.39 -14.09
C LEU A 351 16.84 -13.23 -14.18
N SER A 352 17.83 -13.22 -13.28
CA SER A 352 18.80 -12.12 -13.26
C SER A 352 19.44 -11.92 -14.63
N ASN A 353 19.36 -10.67 -15.12
CA ASN A 353 19.95 -10.24 -16.40
C ASN A 353 19.34 -10.88 -17.65
N TYR A 354 18.17 -11.50 -17.47
CA TYR A 354 17.46 -12.11 -18.59
C TYR A 354 16.94 -11.04 -19.53
N THR A 355 17.14 -11.23 -20.84
CA THR A 355 16.63 -10.31 -21.86
C THR A 355 15.31 -10.82 -22.38
N LEU A 356 14.24 -10.03 -22.25
CA LEU A 356 12.95 -10.44 -22.81
C LEU A 356 13.04 -10.63 -24.32
N PRO A 357 12.70 -11.83 -24.82
CA PRO A 357 12.83 -12.12 -26.25
C PRO A 357 11.64 -11.68 -27.12
N ARG A 358 10.59 -11.20 -26.47
CA ARG A 358 9.40 -10.72 -27.17
C ARG A 358 8.70 -9.69 -26.29
N ASP A 359 7.90 -8.84 -26.92
CA ASP A 359 7.04 -7.87 -26.21
C ASP A 359 6.02 -8.62 -25.35
N GLY A 360 5.52 -7.93 -24.32
CA GLY A 360 4.47 -8.51 -23.51
C GLY A 360 4.23 -7.72 -22.25
N TYR A 361 3.47 -8.34 -21.34
CA TYR A 361 2.99 -7.70 -20.13
C TYR A 361 4.12 -7.19 -19.23
N TYR A 362 5.29 -7.84 -19.31
CA TYR A 362 6.39 -7.53 -18.41
C TYR A 362 7.46 -6.64 -19.02
N GLY A 363 7.22 -6.19 -20.24
CA GLY A 363 8.13 -5.27 -20.92
C GLY A 363 8.32 -5.52 -22.40
N LYS A 364 8.93 -4.56 -23.08
CA LYS A 364 9.18 -4.72 -24.51
C LYS A 364 10.35 -5.68 -24.75
N LYS A 365 10.37 -6.29 -25.93
CA LYS A 365 11.48 -7.10 -26.35
C LYS A 365 12.77 -6.32 -26.13
N GLY A 366 13.78 -6.98 -25.56
CA GLY A 366 15.07 -6.33 -25.33
C GLY A 366 15.24 -5.79 -23.92
N THR A 367 14.12 -5.64 -23.19
CA THR A 367 14.18 -5.27 -21.76
C THR A 367 15.01 -6.29 -20.99
N VAL A 368 15.88 -5.82 -20.10
CA VAL A 368 16.68 -6.70 -19.25
C VAL A 368 16.16 -6.64 -17.80
N LEU A 369 15.82 -7.81 -17.26
CA LEU A 369 15.39 -7.94 -15.87
C LEU A 369 16.62 -8.03 -14.97
N LYS A 370 16.83 -7.01 -14.17
CA LYS A 370 18.03 -6.90 -13.36
C LYS A 370 17.72 -7.10 -11.87
N PRO A 371 18.70 -7.63 -11.13
CA PRO A 371 18.55 -7.65 -9.67
C PRO A 371 18.27 -6.22 -9.22
N TYR A 372 17.42 -6.07 -8.21
CA TYR A 372 17.03 -4.75 -7.75
C TYR A 372 17.31 -4.56 -6.26
N LYS A 373 17.73 -3.36 -5.89
CA LYS A 373 18.11 -3.08 -4.50
C LYS A 373 16.93 -3.31 -3.56
N ALA A 374 17.21 -3.96 -2.43
CA ALA A 374 16.21 -4.17 -1.40
C ALA A 374 16.03 -2.89 -0.60
N GLY A 375 14.85 -2.29 -0.71
CA GLY A 375 14.56 -1.01 -0.06
C GLY A 375 14.13 -1.13 1.38
N ASN A 376 13.93 0.01 2.02
CA ASN A 376 13.60 0.06 3.45
C ASN A 376 12.24 -0.56 3.82
N GLU A 377 11.33 -0.63 2.86
CA GLU A 377 10.05 -1.30 3.10
C GLU A 377 10.33 -2.77 3.52
N PHE A 378 11.36 -3.38 2.92
CA PHE A 378 11.71 -4.75 3.27
C PHE A 378 12.45 -4.83 4.61
N LEU A 379 13.16 -3.76 4.96
CA LEU A 379 13.76 -3.69 6.29
C LEU A 379 12.66 -3.84 7.36
N ILE A 380 11.53 -3.15 7.15
CA ILE A 380 10.42 -3.26 8.11
C ILE A 380 9.88 -4.70 8.17
N SER A 381 9.58 -5.29 7.01
CA SER A 381 8.96 -6.61 7.03
C SER A 381 9.89 -7.66 7.64
N TYR A 382 11.19 -7.59 7.31
CA TYR A 382 12.18 -8.50 7.88
C TYR A 382 12.44 -8.29 9.37
N ALA A 383 12.51 -7.03 9.81
CA ALA A 383 12.62 -6.75 11.24
C ALA A 383 11.40 -7.33 12.00
N ARG A 384 10.20 -7.07 11.49
CA ARG A 384 8.98 -7.55 12.16
C ARG A 384 8.87 -9.08 12.20
N ALA A 385 9.25 -9.75 11.10
CA ALA A 385 9.23 -11.22 11.06
C ALA A 385 10.26 -11.80 12.02
N TYR A 386 11.44 -11.20 12.07
CA TYR A 386 12.50 -11.67 12.98
C TYR A 386 12.05 -11.59 14.44
N ALA A 387 11.32 -10.52 14.78
CA ALA A 387 10.76 -10.34 16.13
C ALA A 387 9.94 -11.53 16.61
N ILE A 388 9.20 -12.15 15.69
CA ILE A 388 8.38 -13.30 16.08
C ILE A 388 9.06 -14.65 15.83
N ASP A 389 10.10 -14.64 14.98
CA ASP A 389 10.87 -15.85 14.69
C ASP A 389 12.33 -15.43 14.50
N ASN A 390 13.16 -15.65 15.52
CA ASN A 390 14.56 -15.18 15.55
C ASN A 390 15.50 -15.95 14.63
N ASP A 391 15.15 -16.03 13.35
CA ASP A 391 15.92 -16.79 12.37
C ASP A 391 17.05 -15.93 11.79
N PRO A 392 18.31 -16.42 11.88
CA PRO A 392 19.46 -15.69 11.32
C PRO A 392 19.29 -15.31 9.85
N LEU A 393 18.52 -16.11 9.10
CA LEU A 393 18.22 -15.80 7.71
C LEU A 393 17.47 -14.47 7.58
N LEU A 394 16.43 -14.29 8.39
CA LEU A 394 15.68 -13.04 8.41
C LEU A 394 16.57 -11.88 8.85
N TRP A 395 17.41 -12.13 9.86
CA TRP A 395 18.35 -11.12 10.33
C TRP A 395 19.34 -10.69 9.26
N LYS A 396 19.79 -11.65 8.45
CA LYS A 396 20.76 -11.37 7.39
C LYS A 396 20.23 -10.32 6.42
N VAL A 397 18.97 -10.48 6.01
CA VAL A 397 18.35 -9.51 5.11
C VAL A 397 18.24 -8.13 5.78
N ALA A 398 17.73 -8.09 7.00
CA ALA A 398 17.66 -6.80 7.71
C ALA A 398 19.02 -6.11 7.81
N ARG A 399 20.04 -6.88 8.17
CA ARG A 399 21.40 -6.37 8.34
C ARG A 399 21.98 -5.88 7.02
N GLY A 400 21.72 -6.62 5.95
CA GLY A 400 22.19 -6.24 4.61
C GLY A 400 21.54 -4.96 4.10
N ILE A 401 20.23 -4.82 4.30
CA ILE A 401 19.52 -3.60 3.91
C ILE A 401 20.01 -2.38 4.70
N ALA A 402 20.08 -2.53 6.03
CA ALA A 402 20.57 -1.43 6.88
C ALA A 402 21.98 -0.98 6.45
N ASN A 403 22.86 -1.94 6.21
CA ASN A 403 24.20 -1.61 5.74
C ASN A 403 24.16 -0.83 4.42
N ASP A 404 23.39 -1.32 3.47
CA ASP A 404 23.33 -0.72 2.14
C ASP A 404 22.74 0.70 2.18
N GLN A 405 21.88 0.93 3.18
CA GLN A 405 21.20 2.21 3.35
C GLN A 405 22.00 3.24 4.15
N GLY A 406 23.25 2.93 4.48
CA GLY A 406 24.11 3.89 5.19
C GLY A 406 23.81 4.00 6.68
N LEU A 407 23.15 2.97 7.21
CA LEU A 407 22.77 2.97 8.63
C LEU A 407 23.82 2.34 9.52
N GLY A 408 24.86 1.79 8.92
CA GLY A 408 25.91 1.10 9.66
C GLY A 408 25.52 -0.35 9.89
N ASP A 409 26.11 -0.97 10.91
CA ASP A 409 25.93 -2.39 11.18
C ASP A 409 24.98 -2.55 12.37
N ILE A 410 23.81 -3.14 12.12
CA ILE A 410 22.85 -3.39 13.21
C ILE A 410 23.27 -4.57 14.10
N GLY A 411 24.39 -5.20 13.75
CA GLY A 411 24.97 -6.27 14.56
C GLY A 411 24.91 -7.63 13.89
N THR A 412 25.59 -8.59 14.47
CA THR A 412 25.54 -9.98 14.00
C THR A 412 24.24 -10.66 14.45
N ALA A 413 23.62 -10.05 15.47
CA ALA A 413 22.33 -10.42 16.03
C ALA A 413 21.87 -9.19 16.84
N PRO A 414 20.58 -9.12 17.20
CA PRO A 414 20.15 -7.96 17.98
C PRO A 414 21.03 -7.72 19.22
N GLY A 415 21.60 -6.52 19.31
CA GLY A 415 22.41 -6.13 20.46
C GLY A 415 23.79 -6.76 20.53
N LYS A 416 24.19 -7.47 19.47
CA LYS A 416 25.51 -8.11 19.42
C LYS A 416 26.41 -7.46 18.37
N GLU A 417 27.48 -6.81 18.85
CA GLU A 417 28.44 -6.12 18.00
C GLU A 417 27.78 -5.06 17.12
N VAL A 418 26.92 -4.26 17.73
CA VAL A 418 26.18 -3.21 17.03
C VAL A 418 27.08 -2.01 16.80
N LYS A 419 27.08 -1.52 15.57
CA LYS A 419 27.86 -0.34 15.18
C LYS A 419 27.02 0.52 14.23
N VAL A 420 25.98 1.14 14.78
CA VAL A 420 25.11 2.03 13.98
C VAL A 420 25.84 3.30 13.54
N ASN A 421 25.44 3.83 12.40
CA ASN A 421 26.08 5.03 11.87
C ASN A 421 25.34 6.28 12.35
N MET A 422 25.79 6.81 13.49
CA MET A 422 25.17 8.01 14.05
C MET A 422 25.37 9.25 13.19
N ASP A 423 26.23 9.14 12.18
CA ASP A 423 26.46 10.24 11.25
C ASP A 423 25.69 10.06 9.95
N THR A 424 24.77 9.10 9.93
CA THR A 424 23.99 8.85 8.71
C THR A 424 23.28 10.11 8.20
N THR A 425 23.16 10.20 6.87
CA THR A 425 22.35 11.26 6.25
C THR A 425 20.96 10.71 5.83
N ASN A 426 20.70 9.44 6.15
CA ASN A 426 19.43 8.79 5.78
C ASN A 426 18.25 9.56 6.37
N SER A 427 17.27 9.85 5.51
CA SER A 427 16.08 10.58 5.93
C SER A 427 14.80 9.88 5.49
N ASP A 428 14.90 8.55 5.30
CA ASP A 428 13.78 7.75 4.80
C ASP A 428 12.86 7.37 5.97
N PRO A 429 11.59 7.85 5.95
CA PRO A 429 10.69 7.45 7.06
C PRO A 429 10.56 5.92 7.23
N TYR A 430 10.67 5.15 6.14
CA TYR A 430 10.65 3.69 6.23
C TYR A 430 11.78 3.15 7.11
N ALA A 431 12.96 3.76 7.00
CA ALA A 431 14.11 3.38 7.81
C ALA A 431 13.84 3.69 9.28
N LEU A 432 13.22 4.85 9.53
CA LEU A 432 12.86 5.23 10.91
C LEU A 432 11.89 4.20 11.50
N PHE A 433 10.80 3.91 10.78
CA PHE A 433 9.86 2.86 11.22
C PHE A 433 10.58 1.54 11.55
N ALA A 434 11.46 1.11 10.63
CA ALA A 434 12.10 -0.20 10.77
C ALA A 434 12.99 -0.22 12.02
N LEU A 435 13.73 0.85 12.25
CA LEU A 435 14.60 0.93 13.45
C LEU A 435 13.79 0.91 14.75
N LEU A 436 12.65 1.59 14.74
CA LEU A 436 11.76 1.52 15.89
C LEU A 436 11.22 0.11 16.13
N ASP A 437 10.93 -0.61 15.06
CA ASP A 437 10.54 -2.03 15.17
C ASP A 437 11.66 -2.84 15.80
N LEU A 438 12.88 -2.62 15.32
CA LEU A 438 14.03 -3.34 15.87
C LEU A 438 14.18 -3.02 17.36
N TYR A 439 14.07 -1.73 17.69
CA TYR A 439 14.15 -1.29 19.08
C TYR A 439 13.03 -1.88 19.94
N HIS A 440 11.80 -1.81 19.44
CA HIS A 440 10.67 -2.28 20.23
C HIS A 440 10.85 -3.73 20.67
N ALA A 441 11.22 -4.60 19.73
CA ALA A 441 11.33 -6.02 20.00
C ALA A 441 12.57 -6.33 20.82
N SER A 442 13.67 -5.62 20.57
CA SER A 442 14.97 -5.98 21.12
C SER A 442 15.35 -5.18 22.37
N GLN A 443 14.76 -3.99 22.49
CA GLN A 443 15.10 -3.03 23.55
C GLN A 443 16.57 -2.58 23.54
N VAL A 444 17.21 -2.69 22.39
CA VAL A 444 18.58 -2.23 22.23
C VAL A 444 18.58 -0.73 21.93
N ALA A 445 19.10 0.04 22.88
CA ALA A 445 19.06 1.51 22.83
C ALA A 445 19.59 2.08 21.51
N ASP A 446 20.68 1.51 21.01
CA ASP A 446 21.34 1.97 19.78
C ASP A 446 20.37 2.13 18.61
N TYR A 447 19.40 1.21 18.50
CA TYR A 447 18.44 1.29 17.38
C TYR A 447 17.55 2.55 17.47
N ARG A 448 17.12 2.89 18.69
CA ARG A 448 16.32 4.11 18.84
C ARG A 448 17.17 5.37 18.72
N LYS A 449 18.42 5.32 19.20
CA LYS A 449 19.31 6.45 19.03
C LYS A 449 19.48 6.75 17.54
N LEU A 450 19.65 5.69 16.75
CA LEU A 450 19.75 5.83 15.30
C LEU A 450 18.44 6.38 14.71
N ALA A 451 17.29 5.87 15.17
CA ALA A 451 15.99 6.37 14.73
C ALA A 451 15.84 7.86 15.01
N GLU A 452 16.35 8.31 16.16
CA GLU A 452 16.34 9.74 16.48
C GLU A 452 17.12 10.57 15.45
N LYS A 453 18.28 10.05 15.03
CA LYS A 453 19.08 10.73 14.00
C LYS A 453 18.34 10.80 12.66
N ILE A 454 17.69 9.71 12.26
CA ILE A 454 16.88 9.72 11.03
C ILE A 454 15.72 10.75 11.15
N GLY A 455 15.07 10.77 12.32
CA GLY A 455 14.01 11.75 12.57
C GLY A 455 14.55 13.16 12.40
N ASP A 456 15.71 13.41 12.97
CA ASP A 456 16.34 14.71 12.83
C ASP A 456 16.67 15.05 11.37
N ASN A 457 17.19 14.07 10.64
CA ASN A 457 17.43 14.23 9.21
C ASN A 457 16.14 14.56 8.44
N ILE A 458 15.05 13.87 8.78
CA ILE A 458 13.74 14.15 8.17
C ILE A 458 13.35 15.63 8.35
N ILE A 459 13.44 16.11 9.59
CA ILE A 459 13.07 17.50 9.90
C ILE A 459 14.01 18.47 9.18
N LYS A 460 15.32 18.20 9.24
CA LYS A 460 16.31 19.07 8.60
C LYS A 460 16.14 19.16 7.08
N ILE A 461 15.89 18.02 6.43
CA ILE A 461 15.97 18.00 4.96
C ILE A 461 14.65 17.86 4.21
N ARG A 462 13.62 17.37 4.90
CA ARG A 462 12.32 17.11 4.27
C ARG A 462 11.19 18.04 4.73
N TYR A 463 11.39 18.72 5.86
CA TYR A 463 10.40 19.69 6.32
C TYR A 463 10.67 21.02 5.61
N ILE A 464 9.87 21.28 4.57
CA ILE A 464 10.13 22.37 3.64
C ILE A 464 8.86 23.20 3.44
N ASP A 465 8.98 24.51 3.66
CA ASP A 465 7.82 25.42 3.54
C ASP A 465 6.59 24.89 4.30
N GLY A 466 6.81 24.29 5.46
CA GLY A 466 5.69 23.85 6.31
C GLY A 466 5.08 22.50 5.92
N PHE A 467 5.65 21.88 4.89
CA PHE A 467 5.21 20.53 4.46
C PHE A 467 6.38 19.54 4.42
N PHE A 468 6.05 18.27 4.16
CA PHE A 468 7.09 17.24 3.98
C PHE A 468 7.19 16.83 2.52
N MET A 469 8.41 16.91 1.97
CA MET A 469 8.67 16.48 0.59
C MET A 469 9.94 15.67 0.51
N ALA A 470 9.99 14.70 -0.41
CA ALA A 470 11.15 13.84 -0.57
C ALA A 470 12.36 14.56 -1.16
N SER A 471 12.10 15.71 -1.80
CA SER A 471 13.14 16.56 -2.37
C SER A 471 12.64 17.99 -2.39
N SER A 472 13.55 18.93 -2.19
CA SER A 472 13.21 20.36 -2.18
C SER A 472 12.70 20.88 -3.54
N ASP A 473 12.91 20.08 -4.58
CA ASP A 473 12.56 20.44 -5.95
C ASP A 473 11.16 19.98 -6.37
N ARG A 474 10.51 19.18 -5.52
CA ARG A 474 9.20 18.63 -5.89
C ARG A 474 8.19 19.76 -6.00
N GLN A 475 7.34 19.68 -7.01
CA GLN A 475 6.33 20.70 -7.21
C GLN A 475 5.27 20.68 -6.09
N TYR A 476 4.76 19.49 -5.79
CA TYR A 476 3.64 19.34 -4.83
C TYR A 476 4.03 18.47 -3.65
N ALA A 477 3.51 18.84 -2.49
CA ALA A 477 3.62 18.02 -1.29
C ALA A 477 2.34 17.23 -1.16
N ASP A 478 2.47 15.99 -0.68
CA ASP A 478 1.34 15.08 -0.47
C ASP A 478 0.95 15.16 1.00
N VAL A 479 -0.32 15.47 1.25
CA VAL A 479 -0.76 15.58 2.65
C VAL A 479 -0.74 14.21 3.34
N ASP A 480 -0.61 13.16 2.53
CA ASP A 480 -0.58 11.79 3.08
C ASP A 480 0.85 11.34 3.39
N ALA A 481 1.80 12.28 3.34
CA ALA A 481 3.21 11.98 3.57
C ALA A 481 3.42 11.19 4.86
N ILE A 482 4.27 10.17 4.82
CA ILE A 482 4.50 9.37 6.02
C ILE A 482 5.64 9.83 6.92
N GLU A 483 6.42 10.83 6.46
CA GLU A 483 7.41 11.44 7.33
C GLU A 483 6.86 11.80 8.72
N PRO A 484 5.73 12.54 8.78
CA PRO A 484 5.19 12.89 10.12
C PRO A 484 4.67 11.68 10.92
N TYR A 485 4.27 10.64 10.19
CA TYR A 485 3.81 9.40 10.81
C TYR A 485 4.98 8.72 11.53
N ALA A 486 6.13 8.63 10.83
CA ALA A 486 7.36 8.09 11.45
C ALA A 486 7.77 8.96 12.65
N LEU A 487 7.69 10.29 12.50
CA LEU A 487 8.06 11.20 13.59
C LEU A 487 7.17 10.96 14.82
N LEU A 488 5.86 10.79 14.58
CA LEU A 488 4.93 10.48 15.68
C LEU A 488 5.24 9.12 16.32
N ALA A 489 5.57 8.14 15.50
CA ALA A 489 5.90 6.81 16.05
C ALA A 489 7.12 6.91 16.96
N LEU A 490 8.10 7.71 16.54
CA LEU A 490 9.29 7.97 17.37
C LEU A 490 8.91 8.62 18.69
N GLU A 491 8.12 9.68 18.62
CA GLU A 491 7.68 10.38 19.84
C GLU A 491 6.89 9.44 20.76
N ALA A 492 6.04 8.59 20.17
CA ALA A 492 5.26 7.63 20.95
C ALA A 492 6.21 6.71 21.70
N SER A 493 7.25 6.26 20.99
CA SER A 493 8.21 5.33 21.57
C SER A 493 8.91 5.95 22.78
N LEU A 494 9.37 7.19 22.61
CA LEU A 494 10.10 7.91 23.65
C LEU A 494 9.22 8.23 24.87
N ARG A 495 7.91 8.36 24.64
CA ARG A 495 6.95 8.65 25.71
C ARG A 495 6.38 7.36 26.32
N ASN A 496 6.89 6.21 25.88
CA ASN A 496 6.40 4.89 26.33
C ASN A 496 4.90 4.74 26.10
N LYS A 497 4.42 5.24 24.97
CA LYS A 497 3.03 5.12 24.58
C LYS A 497 2.94 4.62 23.13
N PRO A 498 3.51 3.45 22.83
CA PRO A 498 3.49 3.00 21.42
C PRO A 498 2.06 2.85 20.88
N GLN A 499 1.11 2.50 21.74
CA GLN A 499 -0.28 2.32 21.33
C GLN A 499 -1.00 3.63 20.95
N ALA A 500 -0.34 4.77 21.18
CA ALA A 500 -0.90 6.10 20.88
C ALA A 500 -1.03 6.33 19.37
N VAL A 501 -0.25 5.58 18.58
CA VAL A 501 -0.19 5.76 17.13
C VAL A 501 -0.52 4.45 16.42
N ALA A 502 -1.40 4.49 15.42
CA ALA A 502 -1.87 3.28 14.73
C ALA A 502 -0.72 2.48 14.11
N PRO A 503 -0.82 1.14 14.10
CA PRO A 503 0.22 0.32 13.47
C PRO A 503 0.44 0.73 12.01
N PHE A 504 1.72 0.83 11.63
CA PHE A 504 2.02 1.21 10.24
C PHE A 504 2.07 -0.02 9.36
N LEU A 505 1.18 -0.05 8.37
CA LEU A 505 1.04 -1.15 7.42
C LEU A 505 1.43 -0.77 5.99
N ASN A 506 1.96 0.44 5.81
CA ASN A 506 2.43 0.87 4.49
C ASN A 506 1.31 0.91 3.46
N GLY A 507 0.14 1.40 3.87
CA GLY A 507 -0.92 1.70 2.90
C GLY A 507 -0.66 3.03 2.23
N ALA A 508 -1.23 3.22 1.04
CA ALA A 508 -1.25 4.52 0.39
C ALA A 508 -2.31 4.49 -0.69
N GLY A 509 -2.72 5.67 -1.14
CA GLY A 509 -3.77 5.75 -2.15
C GLY A 509 -3.22 6.18 -3.49
N PHE A 510 -4.07 6.12 -4.50
CA PHE A 510 -3.73 6.60 -5.82
C PHE A 510 -5.00 6.94 -6.58
N THR A 511 -4.82 7.70 -7.64
CA THR A 511 -5.92 8.10 -8.49
C THR A 511 -5.40 8.00 -9.91
N GLU A 512 -6.18 7.36 -10.77
CA GLU A 512 -5.71 7.04 -12.12
C GLU A 512 -6.80 7.23 -13.14
N GLY A 513 -6.41 7.77 -14.31
CA GLY A 513 -7.37 8.03 -15.36
C GLY A 513 -6.70 8.80 -16.48
N ALA A 514 -7.51 9.28 -17.41
CA ALA A 514 -7.02 10.14 -18.49
C ALA A 514 -6.84 11.56 -17.96
N TYR A 515 -5.73 12.17 -18.32
CA TYR A 515 -5.40 13.51 -17.87
C TYR A 515 -5.08 14.32 -19.13
N ARG A 516 -5.68 15.50 -19.24
CA ARG A 516 -5.53 16.33 -20.43
C ARG A 516 -4.21 17.09 -20.46
N MET A 517 -3.45 16.85 -21.53
CA MET A 517 -2.18 17.56 -21.74
C MET A 517 -2.40 18.93 -22.36
N ASP A 518 -1.35 19.75 -22.34
CA ASP A 518 -1.42 21.13 -22.79
C ASP A 518 -1.84 21.27 -24.26
N ASP A 519 -1.40 20.34 -25.09
CA ASP A 519 -1.76 20.33 -26.51
C ASP A 519 -3.15 19.74 -26.76
N GLY A 520 -3.89 19.48 -25.67
CA GLY A 520 -5.28 19.03 -25.75
C GLY A 520 -5.45 17.53 -25.75
N SER A 521 -4.35 16.80 -25.93
CA SER A 521 -4.39 15.34 -26.02
C SER A 521 -4.67 14.71 -24.65
N ALA A 522 -5.19 13.49 -24.68
CA ALA A 522 -5.51 12.74 -23.47
C ALA A 522 -4.36 11.81 -23.13
N ARG A 523 -3.74 12.02 -21.96
CA ARG A 523 -2.70 11.12 -21.51
C ARG A 523 -3.35 10.01 -20.69
N VAL A 524 -3.48 8.83 -21.30
CA VAL A 524 -4.20 7.73 -20.65
C VAL A 524 -3.35 7.12 -19.53
N SER A 525 -4.03 6.55 -18.53
CA SER A 525 -3.37 5.88 -17.43
C SER A 525 -2.42 6.79 -16.64
N THR A 526 -2.80 8.06 -16.52
CA THR A 526 -2.05 9.00 -15.69
C THR A 526 -2.40 8.74 -14.22
N ARG A 527 -1.39 8.78 -13.35
CA ARG A 527 -1.60 8.57 -11.92
C ARG A 527 -1.20 9.82 -11.14
N ASP A 528 -1.95 10.13 -10.07
CA ASP A 528 -1.50 11.19 -9.15
C ASP A 528 -0.06 10.95 -8.66
N ASN A 529 0.34 9.68 -8.50
CA ASN A 529 1.72 9.34 -8.14
C ASN A 529 2.72 10.05 -9.04
N GLU A 530 2.42 10.09 -10.34
CA GLU A 530 3.32 10.73 -11.30
C GLU A 530 3.38 12.23 -11.06
N LEU A 531 2.24 12.83 -10.73
CA LEU A 531 2.19 14.27 -10.46
C LEU A 531 3.06 14.64 -9.25
N PHE A 532 3.10 13.75 -8.26
CA PHE A 532 3.86 14.00 -7.05
C PHE A 532 5.36 13.80 -7.24
N LEU A 533 5.74 13.18 -8.36
CA LEU A 533 7.16 12.97 -8.67
C LEU A 533 7.77 14.14 -9.45
N LEU A 534 6.91 14.98 -10.03
CA LEU A 534 7.39 16.12 -10.84
C LEU A 534 8.12 17.13 -9.98
N ASN A 535 9.20 17.67 -10.54
CA ASN A 535 9.92 18.80 -9.95
C ASN A 535 9.47 20.09 -10.61
N VAL A 536 9.82 21.23 -10.02
CA VAL A 536 9.42 22.51 -10.58
C VAL A 536 9.92 22.58 -12.03
N GLY A 537 9.04 22.98 -12.93
CA GLY A 537 9.41 23.15 -14.35
C GLY A 537 9.23 21.90 -15.20
N GLU A 538 8.91 20.78 -14.55
CA GLU A 538 8.70 19.53 -15.26
C GLU A 538 7.23 19.28 -15.59
N LYS A 539 7.00 18.57 -16.68
CA LYS A 539 5.65 18.19 -17.09
C LYS A 539 5.62 16.67 -17.32
N LEU A 540 4.42 16.11 -17.25
CA LEU A 540 4.23 14.69 -17.56
C LEU A 540 4.77 14.36 -18.95
N GLN A 541 5.42 13.20 -19.06
CA GLN A 541 5.99 12.75 -20.33
C GLN A 541 5.16 11.63 -20.97
N PRO A 542 5.29 11.45 -22.31
CA PRO A 542 4.61 10.36 -23.02
C PRO A 542 4.80 9.01 -22.35
N ASN A 543 3.71 8.26 -22.24
CA ASN A 543 3.73 6.97 -21.56
C ASN A 543 3.36 5.81 -22.48
I IOD B . 8.37 1.49 20.45
I IOD C . 2.05 12.75 -23.02
I IOD D . -7.32 3.89 -16.26
I IOD E . 6.19 11.35 -16.04
I IOD F . 17.45 8.87 2.20
I IOD G . -7.34 5.97 -18.73
I IOD H . 15.67 -7.67 -32.67
I IOD I . 1.69 18.13 -16.88
I IOD J . -9.19 -8.49 -12.41
I IOD K . 17.24 5.72 23.59
I IOD L . 24.41 -11.98 9.04
I IOD M . 24.92 7.90 4.96
I IOD N . -7.42 -21.26 -19.94
I IOD O . -23.74 -12.85 5.63
I IOD P . 13.08 19.64 16.19
I IOD Q . -28.36 -15.62 1.92
I IOD R . 3.89 -7.25 13.97
I IOD S . -16.99 -1.75 -15.97
I IOD T . -19.07 16.50 9.41
I IOD U . 10.45 17.13 -18.07
I IOD V . 1.83 4.62 -9.36
I IOD W . -4.70 -20.57 13.62
I IOD X . -10.10 21.82 12.43
I IOD Y . -21.97 9.99 13.16
I IOD Z . 12.28 -7.24 -12.33
I IOD AA . 3.09 5.59 -11.13
I IOD BA . -18.11 19.19 9.32
I IOD CA . 14.32 -9.02 18.26
I IOD DA . 16.15 -10.33 -27.73
I IOD EA . -10.12 6.59 -20.35
I IOD FA . 5.36 -3.87 -24.96
I IOD GA . 16.80 -7.92 -28.19
I IOD HA . -11.62 -3.06 18.48
I IOD IA . -9.95 -8.63 -21.85
I IOD JA . -11.58 25.13 -14.49
I IOD KA . -11.80 20.20 19.89
I IOD LA . 2.71 19.55 21.27
I IOD MA . -27.61 -1.29 -4.19
I IOD NA . -9.69 -19.53 -27.63
I IOD OA . -0.93 -17.58 20.78
I IOD PA . 23.32 -10.20 -12.51
I IOD QA . -1.95 5.98 24.70
I IOD RA . -20.89 -8.18 9.48
I IOD SA . -18.72 -23.43 3.06
I IOD TA . -21.69 15.61 8.10
I IOD UA . -4.46 -2.49 12.38
I IOD VA . 10.29 -6.13 -13.72
I IOD WA . 29.96 -0.35 10.03
I IOD XA . 21.87 -17.50 6.94
I IOD YA . 6.25 -18.38 12.89
I IOD ZA . 0.44 11.86 -24.21
#